data_6RUW
#
_entry.id   6RUW
#
_cell.length_a   67.920
_cell.length_b   67.920
_cell.length_c   102.140
_cell.angle_alpha   90.00
_cell.angle_beta   90.00
_cell.angle_gamma   90.00
#
_symmetry.space_group_name_H-M   'P 43 21 2'
#
loop_
_entity.id
_entity.type
_entity.pdbx_description
1 polymer 'Proteinase K'
2 non-polymer 'Zn-substituted alpha-Keggin'
3 non-polymer 'SULFATE ION'
4 water water
#
_entity_poly.entity_id   1
_entity_poly.type   'polypeptide(L)'
_entity_poly.pdbx_seq_one_letter_code
;AAQTNAPWGLARISSTSPGTSTYYYDESAGQGSCVYVIDTGIEASHPEFEGRAQMVKTYYYSSRDGNGHGTHCAGTVGSR
TYGVAKKTQLFGVKVLDDNGSGQYSTIIAGMDFVASDKNNRNCPKGVVASLSLGGGYSSSVNSAAARLQSSGVMVAVAAG
NNNADARNYSPASEPSVCTVGASDRYDRRSSFSNYGSVLDIFGPGTDILSTWIGGSTRSISGTSMATPHVAGLAAYLMTL
GKTTAASACRYIADTANKGDLSNIPFGTVNLLAYNNYQA
;
_entity_poly.pdbx_strand_id   A
#
loop_
_chem_comp.id
_chem_comp.type
_chem_comp.name
_chem_comp.formula
KK5 non-polymer 'Zn-substituted alpha-Keggin' 'O39 P W11 Zn'
SO4 non-polymer 'SULFATE ION' 'O4 S -2'
#
# COMPACT_ATOMS: atom_id res chain seq x y z
N ALA A 1 17.16 4.26 -12.63
CA ALA A 1 16.60 5.63 -12.75
C ALA A 1 16.71 6.33 -11.41
N ALA A 2 16.83 7.66 -11.44
CA ALA A 2 16.96 8.48 -10.25
C ALA A 2 15.95 9.61 -10.30
N GLN A 3 15.18 9.76 -9.23
CA GLN A 3 14.27 10.88 -9.06
C GLN A 3 14.85 11.77 -7.96
N THR A 4 15.31 12.96 -8.32
CA THR A 4 15.87 13.83 -7.29
C THR A 4 14.75 14.55 -6.55
N ASN A 5 15.08 14.98 -5.32
CA ASN A 5 14.14 15.68 -4.45
C ASN A 5 12.82 14.92 -4.34
N ALA A 6 12.94 13.63 -4.08
CA ALA A 6 11.80 12.76 -3.93
C ALA A 6 11.26 12.86 -2.51
N PRO A 7 10.00 12.50 -2.31
CA PRO A 7 9.49 12.37 -0.94
C PRO A 7 10.39 11.42 -0.14
N TRP A 8 10.55 11.71 1.15
CA TRP A 8 11.51 10.96 1.93
C TRP A 8 11.23 9.46 1.89
N GLY A 9 9.96 9.07 1.85
CA GLY A 9 9.63 7.65 1.90
C GLY A 9 10.09 6.91 0.65
N LEU A 10 9.99 7.55 -0.51
CA LEU A 10 10.51 6.93 -1.71
C LEU A 10 12.03 6.78 -1.62
N ALA A 11 12.72 7.85 -1.20
CA ALA A 11 14.16 7.73 -1.01
C ALA A 11 14.49 6.62 -0.02
N ARG A 12 13.69 6.50 1.04
CA ARG A 12 13.98 5.50 2.07
C ARG A 12 13.88 4.09 1.51
N ILE A 13 12.89 3.83 0.66
CA ILE A 13 12.63 2.52 0.08
C ILE A 13 13.80 2.03 -0.75
N SER A 14 14.60 2.94 -1.30
CA SER A 14 15.73 2.54 -2.14
C SER A 14 17.07 2.81 -1.49
N SER A 15 17.11 2.93 -0.17
CA SER A 15 18.34 3.28 0.52
C SER A 15 18.63 2.34 1.67
N THR A 16 19.92 2.11 1.90
CA THR A 16 20.37 1.42 3.11
C THR A 16 20.39 2.34 4.32
N SER A 17 20.21 3.65 4.14
CA SER A 17 20.30 4.60 5.22
C SER A 17 19.18 5.62 5.14
N PRO A 18 18.71 6.13 6.28
CA PRO A 18 17.83 7.29 6.28
C PRO A 18 18.61 8.55 5.91
N GLY A 19 17.86 9.62 5.66
CA GLY A 19 18.47 10.92 5.49
C GLY A 19 18.90 11.28 4.10
N THR A 20 18.44 10.57 3.08
CA THR A 20 18.69 10.93 1.69
C THR A 20 17.38 11.29 1.02
N SER A 21 17.48 11.87 -0.19
CA SER A 21 16.33 12.48 -0.83
C SER A 21 16.20 12.14 -2.32
N THR A 22 16.93 11.15 -2.81
CA THR A 22 16.82 10.70 -4.19
C THR A 22 16.28 9.27 -4.17
N TYR A 23 15.28 9.01 -5.01
CA TYR A 23 14.69 7.68 -5.16
C TYR A 23 15.31 7.01 -6.37
N TYR A 24 15.83 5.80 -6.17
CA TYR A 24 16.47 5.03 -7.24
C TYR A 24 15.65 3.77 -7.50
N TYR A 25 15.36 3.50 -8.77
CA TYR A 25 14.54 2.34 -9.10
C TYR A 25 14.77 1.96 -10.56
N ASP A 26 14.54 0.68 -10.85
CA ASP A 26 14.61 0.20 -12.23
C ASP A 26 13.51 0.84 -13.06
N GLU A 27 13.88 1.31 -14.26
CA GLU A 27 12.97 2.08 -15.10
C GLU A 27 11.73 1.30 -15.51
N SER A 28 11.72 -0.03 -15.40
CA SER A 28 10.51 -0.79 -15.71
C SER A 28 9.34 -0.30 -14.86
N ALA A 29 9.60 0.06 -13.60
CA ALA A 29 8.68 0.89 -12.82
C ALA A 29 7.29 0.26 -12.65
N GLY A 30 7.21 -1.06 -12.57
CA GLY A 30 5.91 -1.68 -12.41
C GLY A 30 5.07 -1.76 -13.67
N GLN A 31 5.63 -1.46 -14.83
CA GLN A 31 4.85 -1.59 -16.06
C GLN A 31 4.36 -3.02 -16.20
N GLY A 32 3.10 -3.17 -16.60
CA GLY A 32 2.52 -4.49 -16.80
C GLY A 32 1.92 -5.11 -15.56
N SER A 33 2.05 -4.45 -14.41
CA SER A 33 1.40 -4.86 -13.19
C SER A 33 0.16 -4.00 -12.97
N CYS A 34 -0.65 -4.41 -11.99
CA CYS A 34 -1.85 -3.69 -11.62
C CYS A 34 -1.95 -3.64 -10.11
N VAL A 35 -2.37 -2.49 -9.59
CA VAL A 35 -2.62 -2.33 -8.16
C VAL A 35 -4.04 -1.80 -7.97
N TYR A 36 -4.84 -2.55 -7.22
CA TYR A 36 -6.14 -2.10 -6.78
C TYR A 36 -5.98 -1.33 -5.48
N VAL A 37 -6.59 -0.15 -5.41
CA VAL A 37 -6.59 0.67 -4.21
C VAL A 37 -8.02 0.64 -3.71
N ILE A 38 -8.24 -0.09 -2.62
CA ILE A 38 -9.57 -0.36 -2.08
C ILE A 38 -9.74 0.65 -0.95
N ASP A 39 -10.53 1.69 -1.18
CA ASP A 39 -10.46 2.90 -0.35
C ASP A 39 -11.62 3.83 -0.64
N THR A 40 -11.41 5.14 -0.51
CA THR A 40 -12.45 6.13 -0.77
C THR A 40 -12.59 6.48 -2.25
N GLY A 41 -11.85 5.82 -3.13
CA GLY A 41 -11.82 6.16 -4.54
C GLY A 41 -10.48 6.75 -4.93
N ILE A 42 -10.40 7.15 -6.20
CA ILE A 42 -9.20 7.78 -6.75
C ILE A 42 -9.63 8.90 -7.69
N GLU A 43 -9.03 10.08 -7.54
CA GLU A 43 -9.24 11.16 -8.50
C GLU A 43 -8.36 10.86 -9.71
N ALA A 44 -8.88 10.04 -10.62
CA ALA A 44 -8.10 9.56 -11.74
C ALA A 44 -7.68 10.67 -12.69
N SER A 45 -8.40 11.80 -12.70
CA SER A 45 -8.02 12.89 -13.58
C SER A 45 -6.81 13.67 -13.09
N HIS A 46 -6.31 13.39 -11.90
CA HIS A 46 -5.15 14.09 -11.41
C HIS A 46 -4.00 13.94 -12.40
N PRO A 47 -3.36 15.04 -12.83
CA PRO A 47 -2.24 14.90 -13.78
C PRO A 47 -1.19 13.90 -13.32
N GLU A 48 -1.02 13.74 -12.01
CA GLU A 48 0.00 12.85 -11.48
C GLU A 48 -0.22 11.40 -11.86
N PHE A 49 -1.44 11.01 -12.26
CA PHE A 49 -1.69 9.62 -12.63
C PHE A 49 -1.50 9.34 -14.11
N GLU A 50 -1.44 10.38 -14.95
CA GLU A 50 -1.04 10.23 -16.34
C GLU A 50 -1.93 9.29 -17.14
N GLY A 51 -3.21 9.19 -16.78
CA GLY A 51 -4.11 8.30 -17.47
C GLY A 51 -4.01 6.85 -17.07
N ARG A 52 -3.16 6.53 -16.11
CA ARG A 52 -2.95 5.16 -15.67
C ARG A 52 -3.89 4.74 -14.54
N ALA A 53 -4.71 5.65 -14.02
CA ALA A 53 -5.67 5.34 -12.97
C ALA A 53 -7.09 5.33 -13.53
N GLN A 54 -7.93 4.47 -12.95
CA GLN A 54 -9.33 4.45 -13.29
C GLN A 54 -10.11 3.86 -12.13
N MET A 55 -11.34 4.34 -11.97
CA MET A 55 -12.28 3.71 -11.05
C MET A 55 -12.93 2.53 -11.76
N VAL A 56 -12.98 1.39 -11.08
CA VAL A 56 -13.62 0.20 -11.62
C VAL A 56 -14.85 -0.22 -10.82
N LYS A 57 -15.03 0.26 -9.59
CA LYS A 57 -16.18 -0.14 -8.81
C LYS A 57 -16.43 0.86 -7.70
N THR A 58 -17.71 1.13 -7.44
CA THR A 58 -18.11 1.85 -6.24
C THR A 58 -19.37 1.22 -5.68
N TYR A 59 -19.55 1.38 -4.37
CA TYR A 59 -20.76 0.92 -3.67
C TYR A 59 -21.63 2.08 -3.23
N TYR A 60 -21.31 3.30 -3.68
CA TYR A 60 -21.96 4.54 -3.29
C TYR A 60 -22.45 5.28 -4.52
N TYR A 61 -23.05 6.46 -4.29
CA TYR A 61 -23.70 7.18 -5.39
C TYR A 61 -22.72 7.68 -6.43
N SER A 62 -21.43 7.75 -6.10
CA SER A 62 -20.43 8.18 -7.04
C SER A 62 -19.19 7.32 -6.85
N SER A 63 -18.38 7.24 -7.90
CA SER A 63 -17.05 6.64 -7.81
CA SER A 63 -17.06 6.65 -7.82
C SER A 63 -15.98 7.67 -7.50
N ARG A 64 -16.33 8.96 -7.44
CA ARG A 64 -15.38 9.99 -7.12
C ARG A 64 -14.89 9.89 -5.68
N ASP A 65 -13.62 10.24 -5.50
CA ASP A 65 -13.05 10.36 -4.16
C ASP A 65 -13.42 11.74 -3.64
N GLY A 66 -14.45 11.82 -2.81
CA GLY A 66 -14.81 13.06 -2.16
C GLY A 66 -14.09 13.31 -0.85
N ASN A 67 -13.12 12.47 -0.51
CA ASN A 67 -12.40 12.58 0.75
C ASN A 67 -10.94 12.99 0.56
N GLY A 68 -10.22 12.25 -0.27
CA GLY A 68 -8.80 12.46 -0.51
C GLY A 68 -7.93 11.29 -0.11
N HIS A 69 -8.35 10.54 0.90
CA HIS A 69 -7.54 9.44 1.44
C HIS A 69 -7.15 8.46 0.35
N GLY A 70 -8.12 8.00 -0.46
CA GLY A 70 -7.80 7.02 -1.48
C GLY A 70 -6.89 7.57 -2.55
N THR A 71 -7.06 8.85 -2.89
CA THR A 71 -6.20 9.48 -3.88
C THR A 71 -4.78 9.60 -3.37
N HIS A 72 -4.63 9.88 -2.07
CA HIS A 72 -3.29 9.94 -1.47
C HIS A 72 -2.61 8.58 -1.51
N CYS A 73 -3.33 7.53 -1.10
CA CYS A 73 -2.76 6.19 -1.12
C CYS A 73 -2.40 5.76 -2.53
N ALA A 74 -3.31 5.99 -3.48
CA ALA A 74 -3.03 5.65 -4.87
C ALA A 74 -1.81 6.39 -5.38
N GLY A 75 -1.64 7.64 -4.96
CA GLY A 75 -0.47 8.40 -5.37
C GLY A 75 0.83 7.79 -4.87
N THR A 76 0.82 7.26 -3.65
CA THR A 76 2.01 6.60 -3.13
C THR A 76 2.29 5.30 -3.87
N VAL A 77 1.26 4.58 -4.30
CA VAL A 77 1.48 3.39 -5.10
C VAL A 77 2.14 3.75 -6.42
N GLY A 78 1.57 4.70 -7.16
CA GLY A 78 1.89 4.82 -8.56
C GLY A 78 1.82 6.16 -9.25
N SER A 79 1.74 7.26 -8.53
CA SER A 79 1.80 8.54 -9.20
C SER A 79 3.21 8.81 -9.72
N ARG A 80 3.31 9.71 -10.71
CA ARG A 80 4.60 9.96 -11.36
C ARG A 80 5.62 10.53 -10.39
N THR A 81 5.21 11.47 -9.53
CA THR A 81 6.15 12.08 -8.59
C THR A 81 6.16 11.39 -7.22
N TYR A 82 5.00 10.98 -6.72
CA TYR A 82 4.89 10.51 -5.35
C TYR A 82 4.82 9.01 -5.23
N GLY A 83 4.91 8.28 -6.35
CA GLY A 83 4.68 6.86 -6.37
C GLY A 83 5.91 5.98 -6.43
N VAL A 84 5.78 4.79 -5.84
CA VAL A 84 6.82 3.78 -5.87
C VAL A 84 6.92 3.14 -7.24
N ALA A 85 5.78 2.78 -7.83
CA ALA A 85 5.70 2.02 -9.08
C ALA A 85 5.07 2.93 -10.12
N LYS A 86 5.92 3.72 -10.79
CA LYS A 86 5.46 4.88 -11.54
C LYS A 86 4.82 4.52 -12.87
N LYS A 87 4.83 3.25 -13.26
CA LYS A 87 4.18 2.84 -14.50
C LYS A 87 3.14 1.75 -14.29
N THR A 88 2.75 1.46 -13.05
CA THR A 88 1.70 0.49 -12.81
C THR A 88 0.35 1.05 -13.26
N GLN A 89 -0.60 0.14 -13.45
CA GLN A 89 -1.98 0.51 -13.69
C GLN A 89 -2.72 0.49 -12.35
N LEU A 90 -3.47 1.55 -12.07
CA LEU A 90 -4.16 1.70 -10.79
C LEU A 90 -5.65 1.54 -11.00
N PHE A 91 -6.28 0.72 -10.17
CA PHE A 91 -7.73 0.48 -10.24
C PHE A 91 -8.34 0.84 -8.91
N GLY A 92 -9.30 1.76 -8.91
CA GLY A 92 -9.94 2.20 -7.67
C GLY A 92 -11.22 1.43 -7.40
N VAL A 93 -11.36 0.98 -6.15
CA VAL A 93 -12.55 0.29 -5.67
C VAL A 93 -13.02 1.06 -4.45
N LYS A 94 -14.16 1.75 -4.57
CA LYS A 94 -14.63 2.66 -3.53
C LYS A 94 -15.53 1.89 -2.58
N VAL A 95 -14.91 1.34 -1.52
CA VAL A 95 -15.64 0.71 -0.42
C VAL A 95 -15.85 1.65 0.75
N LEU A 96 -15.19 2.81 0.77
CA LEU A 96 -15.34 3.78 1.84
C LEU A 96 -16.04 5.03 1.32
N ASP A 97 -16.93 5.58 2.14
CA ASP A 97 -17.67 6.78 1.78
C ASP A 97 -16.76 8.01 1.87
N ASP A 98 -17.31 9.17 1.54
CA ASP A 98 -16.49 10.38 1.49
C ASP A 98 -16.10 10.90 2.87
N ASN A 99 -16.62 10.29 3.93
CA ASN A 99 -16.11 10.54 5.28
C ASN A 99 -15.04 9.52 5.70
N GLY A 100 -14.67 8.61 4.81
CA GLY A 100 -13.66 7.61 5.12
C GLY A 100 -14.18 6.38 5.83
N SER A 101 -15.49 6.22 5.94
CA SER A 101 -16.07 5.11 6.69
C SER A 101 -16.70 4.10 5.74
N GLY A 102 -16.84 2.87 6.21
CA GLY A 102 -17.48 1.85 5.40
C GLY A 102 -17.88 0.66 6.24
N GLN A 103 -19.00 0.04 5.87
CA GLN A 103 -19.43 -1.17 6.53
C GLN A 103 -18.53 -2.33 6.14
N TYR A 104 -18.30 -3.23 7.08
CA TYR A 104 -17.49 -4.38 6.80
C TYR A 104 -18.08 -5.25 5.68
N SER A 105 -19.41 -5.31 5.56
CA SER A 105 -20.00 -6.10 4.48
C SER A 105 -19.62 -5.53 3.12
N THR A 106 -19.54 -4.20 3.02
CA THR A 106 -19.13 -3.59 1.76
C THR A 106 -17.65 -3.83 1.49
N ILE A 107 -16.82 -3.73 2.53
CA ILE A 107 -15.39 -3.98 2.37
C ILE A 107 -15.16 -5.41 1.91
N ILE A 108 -15.90 -6.36 2.48
CA ILE A 108 -15.78 -7.76 2.08
C ILE A 108 -16.17 -7.92 0.61
N ALA A 109 -17.30 -7.32 0.22
CA ALA A 109 -17.72 -7.40 -1.18
C ALA A 109 -16.65 -6.82 -2.10
N GLY A 110 -16.02 -5.72 -1.70
CA GLY A 110 -14.97 -5.13 -2.52
C GLY A 110 -13.78 -6.04 -2.70
N MET A 111 -13.38 -6.76 -1.65
CA MET A 111 -12.28 -7.70 -1.76
C MET A 111 -12.63 -8.85 -2.70
N ASP A 112 -13.81 -9.44 -2.53
CA ASP A 112 -14.22 -10.49 -3.46
C ASP A 112 -14.37 -9.96 -4.87
N PHE A 113 -14.78 -8.70 -5.01
CA PHE A 113 -14.82 -8.08 -6.33
C PHE A 113 -13.45 -8.11 -6.98
N VAL A 114 -12.41 -7.70 -6.25
CA VAL A 114 -11.07 -7.65 -6.84
C VAL A 114 -10.61 -9.04 -7.25
N ALA A 115 -10.89 -10.04 -6.41
CA ALA A 115 -10.44 -11.39 -6.73
C ALA A 115 -10.98 -11.85 -8.07
N SER A 116 -12.20 -11.47 -8.40
CA SER A 116 -12.79 -11.80 -9.69
C SER A 116 -12.39 -10.79 -10.77
N ASP A 117 -12.41 -9.51 -10.42
CA ASP A 117 -12.25 -8.48 -11.44
C ASP A 117 -10.89 -8.52 -12.09
N LYS A 118 -9.87 -9.04 -11.40
CA LYS A 118 -8.55 -9.11 -12.03
C LYS A 118 -8.59 -9.93 -13.30
N ASN A 119 -9.55 -10.86 -13.41
CA ASN A 119 -9.70 -11.65 -14.63
C ASN A 119 -10.29 -10.83 -15.76
N ASN A 120 -10.72 -9.60 -15.49
CA ASN A 120 -11.17 -8.67 -16.51
C ASN A 120 -10.13 -7.62 -16.84
N ARG A 121 -8.92 -7.75 -16.32
CA ARG A 121 -7.88 -6.75 -16.51
C ARG A 121 -6.63 -7.40 -17.11
N ASN A 122 -5.79 -6.56 -17.71
CA ASN A 122 -4.52 -7.01 -18.28
C ASN A 122 -3.39 -6.64 -17.34
N CYS A 123 -2.86 -7.67 -16.68
CA CYS A 123 -1.86 -7.52 -15.62
C CYS A 123 -0.85 -8.64 -15.76
N PRO A 124 -0.14 -8.69 -16.89
CA PRO A 124 0.76 -9.83 -17.14
C PRO A 124 1.84 -10.01 -16.10
N LYS A 125 2.24 -8.94 -15.41
CA LYS A 125 3.29 -9.05 -14.41
C LYS A 125 2.74 -9.31 -13.01
N GLY A 126 1.43 -9.26 -12.82
CA GLY A 126 0.84 -9.60 -11.54
C GLY A 126 -0.04 -8.50 -10.99
N VAL A 127 -0.74 -8.85 -9.91
CA VAL A 127 -1.81 -8.05 -9.33
C VAL A 127 -1.58 -7.87 -7.85
N VAL A 128 -1.78 -6.64 -7.38
CA VAL A 128 -1.62 -6.27 -5.98
C VAL A 128 -2.91 -5.58 -5.54
N ALA A 129 -3.23 -5.69 -4.26
CA ALA A 129 -4.32 -4.94 -3.66
C ALA A 129 -3.79 -4.25 -2.42
N SER A 130 -4.11 -2.97 -2.29
CA SER A 130 -3.68 -2.13 -1.18
C SER A 130 -4.91 -1.75 -0.37
N LEU A 131 -4.91 -2.11 0.91
CA LEU A 131 -6.05 -1.91 1.81
C LEU A 131 -5.62 -1.05 3.00
N SER A 132 -5.72 0.26 2.83
CA SER A 132 -5.43 1.22 3.88
C SER A 132 -6.71 1.49 4.68
N LEU A 133 -7.15 0.46 5.40
CA LEU A 133 -8.40 0.53 6.15
C LEU A 133 -8.40 -0.60 7.17
N GLY A 134 -9.35 -0.52 8.10
CA GLY A 134 -9.50 -1.57 9.07
C GLY A 134 -10.34 -1.13 10.24
N GLY A 135 -10.72 -2.10 11.05
CA GLY A 135 -11.42 -1.84 12.29
C GLY A 135 -11.15 -2.99 13.23
N GLY A 136 -12.10 -3.24 14.13
CA GLY A 136 -11.94 -4.29 15.12
C GLY A 136 -11.92 -5.68 14.48
N TYR A 137 -11.46 -6.65 15.28
CA TYR A 137 -11.28 -8.00 14.78
C TYR A 137 -12.59 -8.54 14.20
N SER A 138 -12.49 -9.12 13.00
CA SER A 138 -13.60 -9.81 12.37
C SER A 138 -13.07 -11.00 11.58
N SER A 139 -13.52 -12.21 11.93
CA SER A 139 -13.09 -13.38 11.17
C SER A 139 -13.54 -13.30 9.72
N SER A 140 -14.73 -12.73 9.47
CA SER A 140 -15.23 -12.62 8.10
C SER A 140 -14.38 -11.69 7.26
N VAL A 141 -13.95 -10.55 7.84
CA VAL A 141 -13.09 -9.63 7.10
C VAL A 141 -11.75 -10.29 6.81
N ASN A 142 -11.16 -10.95 7.82
CA ASN A 142 -9.89 -11.63 7.61
C ASN A 142 -10.01 -12.70 6.54
N SER A 143 -11.12 -13.43 6.56
CA SER A 143 -11.31 -14.50 5.59
CA SER A 143 -11.31 -14.50 5.59
C SER A 143 -11.39 -13.95 4.17
N ALA A 144 -12.05 -12.80 4.01
CA ALA A 144 -12.12 -12.16 2.70
C ALA A 144 -10.73 -11.75 2.23
N ALA A 145 -9.92 -11.20 3.13
CA ALA A 145 -8.55 -10.86 2.77
C ALA A 145 -7.77 -12.12 2.41
N ALA A 146 -7.99 -13.21 3.14
CA ALA A 146 -7.30 -14.45 2.83
C ALA A 146 -7.70 -14.99 1.47
N ARG A 147 -8.99 -14.91 1.12
CA ARG A 147 -9.43 -15.37 -0.18
C ARG A 147 -8.77 -14.56 -1.28
N LEU A 148 -8.76 -13.23 -1.13
CA LEU A 148 -8.18 -12.37 -2.14
C LEU A 148 -6.73 -12.74 -2.38
N GLN A 149 -5.97 -12.95 -1.29
CA GLN A 149 -4.58 -13.39 -1.41
C GLN A 149 -4.51 -14.74 -2.12
N SER A 150 -5.32 -15.70 -1.66
CA SER A 150 -5.30 -17.04 -2.24
C SER A 150 -5.57 -17.01 -3.73
N SER A 151 -6.42 -16.08 -4.18
CA SER A 151 -6.80 -16.00 -5.58
C SER A 151 -5.67 -15.51 -6.48
N GLY A 152 -4.53 -15.12 -5.92
CA GLY A 152 -3.39 -14.71 -6.73
C GLY A 152 -3.14 -13.22 -6.73
N VAL A 153 -3.54 -12.53 -5.65
CA VAL A 153 -3.34 -11.10 -5.49
C VAL A 153 -2.45 -10.87 -4.27
N MET A 154 -1.41 -10.06 -4.45
CA MET A 154 -0.58 -9.66 -3.31
C MET A 154 -1.38 -8.66 -2.48
N VAL A 155 -1.82 -9.07 -1.31
CA VAL A 155 -2.66 -8.23 -0.45
C VAL A 155 -1.78 -7.56 0.61
N ALA A 156 -1.78 -6.24 0.60
CA ALA A 156 -1.08 -5.44 1.61
C ALA A 156 -2.13 -4.67 2.40
N VAL A 157 -2.08 -4.77 3.73
CA VAL A 157 -3.06 -4.14 4.61
C VAL A 157 -2.38 -3.32 5.69
N ALA A 158 -3.04 -2.23 6.10
CA ALA A 158 -2.51 -1.38 7.15
C ALA A 158 -2.60 -2.07 8.50
N ALA A 159 -1.57 -1.89 9.32
CA ALA A 159 -1.56 -2.48 10.65
C ALA A 159 -2.56 -1.79 11.57
N GLY A 160 -2.85 -0.52 11.33
CA GLY A 160 -3.70 0.27 12.20
C GLY A 160 -2.90 1.31 12.98
N ASN A 161 -3.62 2.32 13.48
CA ASN A 161 -3.03 3.53 14.07
C ASN A 161 -3.35 3.66 15.55
N ASN A 162 -3.42 2.54 16.26
CA ASN A 162 -3.84 2.51 17.65
C ASN A 162 -2.69 2.40 18.64
N ASN A 163 -1.45 2.39 18.15
CA ASN A 163 -0.31 2.11 19.00
C ASN A 163 -0.58 0.90 19.90
N ALA A 164 -1.06 -0.18 19.28
CA ALA A 164 -1.47 -1.37 20.01
C ALA A 164 -1.14 -2.60 19.16
N ASP A 165 -1.34 -3.77 19.74
CA ASP A 165 -1.11 -5.01 19.01
C ASP A 165 -2.17 -5.18 17.91
N ALA A 166 -1.69 -5.34 16.67
CA ALA A 166 -2.59 -5.47 15.53
C ALA A 166 -3.39 -6.76 15.52
N ARG A 167 -3.12 -7.68 16.46
CA ARG A 167 -3.89 -8.92 16.53
C ARG A 167 -5.38 -8.66 16.74
N ASN A 168 -5.74 -7.49 17.26
CA ASN A 168 -7.13 -7.19 17.58
C ASN A 168 -7.82 -6.35 16.51
N TYR A 169 -7.24 -6.27 15.31
CA TYR A 169 -7.79 -5.47 14.23
C TYR A 169 -7.83 -6.28 12.95
N SER A 170 -8.74 -5.91 12.05
CA SER A 170 -8.93 -6.62 10.79
C SER A 170 -9.02 -5.63 9.65
N PRO A 171 -8.47 -5.95 8.47
CA PRO A 171 -7.80 -7.22 8.16
C PRO A 171 -6.35 -7.36 8.63
N ALA A 172 -5.86 -6.43 9.43
CA ALA A 172 -4.46 -6.47 9.87
C ALA A 172 -4.07 -7.81 10.47
N SER A 173 -4.97 -8.44 11.21
CA SER A 173 -4.64 -9.66 11.93
C SER A 173 -4.69 -10.92 11.08
N GLU A 174 -5.07 -10.84 9.81
CA GLU A 174 -5.10 -12.03 8.96
C GLU A 174 -3.66 -12.48 8.68
N PRO A 175 -3.27 -13.70 9.05
CA PRO A 175 -1.85 -14.06 8.89
C PRO A 175 -1.37 -14.12 7.45
N SER A 176 -2.24 -14.48 6.51
CA SER A 176 -1.78 -14.81 5.16
C SER A 176 -1.58 -13.60 4.25
N VAL A 177 -1.94 -12.40 4.70
CA VAL A 177 -1.71 -11.18 3.93
C VAL A 177 -0.52 -10.43 4.50
N CYS A 178 -0.15 -9.33 3.88
CA CYS A 178 1.05 -8.58 4.26
C CYS A 178 0.62 -7.39 5.12
N THR A 179 0.88 -7.47 6.42
CA THR A 179 0.47 -6.44 7.37
C THR A 179 1.60 -5.45 7.59
N VAL A 180 1.30 -4.17 7.37
CA VAL A 180 2.30 -3.13 7.21
C VAL A 180 2.20 -2.12 8.35
N GLY A 181 3.28 -2.00 9.12
CA GLY A 181 3.43 -0.93 10.09
C GLY A 181 4.11 0.29 9.48
N ALA A 182 4.16 1.37 10.27
CA ALA A 182 4.65 2.65 9.78
C ALA A 182 5.89 3.12 10.55
N SER A 183 6.82 3.72 9.81
CA SER A 183 8.02 4.35 10.36
C SER A 183 8.12 5.80 9.92
N ASP A 184 9.02 6.54 10.57
CA ASP A 184 9.25 7.95 10.24
C ASP A 184 10.63 8.14 9.61
N ARG A 185 10.92 9.39 9.25
CA ARG A 185 12.10 9.69 8.46
C ARG A 185 13.40 9.49 9.23
N TYR A 186 13.32 9.33 10.55
CA TYR A 186 14.48 9.04 11.38
C TYR A 186 14.56 7.57 11.76
N ASP A 187 13.81 6.72 11.04
CA ASP A 187 13.82 5.29 11.28
C ASP A 187 13.30 4.93 12.68
N ARG A 188 12.38 5.73 13.20
CA ARG A 188 11.65 5.37 14.40
C ARG A 188 10.29 4.78 14.00
N ARG A 189 9.83 3.81 14.79
CA ARG A 189 8.43 3.41 14.68
C ARG A 189 7.55 4.64 14.79
N SER A 190 6.60 4.78 13.87
CA SER A 190 5.69 5.91 13.95
C SER A 190 4.92 5.81 15.27
N SER A 191 4.65 6.97 15.88
CA SER A 191 4.11 6.99 17.24
C SER A 191 2.76 6.30 17.32
N PHE A 192 1.99 6.31 16.24
CA PHE A 192 0.66 5.73 16.19
C PHE A 192 0.65 4.30 15.67
N SER A 193 1.76 3.79 15.18
CA SER A 193 1.73 2.52 14.46
C SER A 193 1.42 1.36 15.39
N ASN A 194 0.47 0.52 14.97
CA ASN A 194 0.32 -0.77 15.63
C ASN A 194 1.57 -1.62 15.41
N TYR A 195 1.66 -2.68 16.21
CA TYR A 195 2.82 -3.55 16.25
C TYR A 195 2.30 -4.95 16.54
N GLY A 196 3.22 -5.88 16.81
CA GLY A 196 2.85 -7.24 17.16
C GLY A 196 3.40 -8.26 16.18
N SER A 197 3.28 -9.52 16.62
CA SER A 197 3.74 -10.66 15.82
C SER A 197 3.14 -10.71 14.43
N VAL A 198 1.93 -10.18 14.23
CA VAL A 198 1.27 -10.32 12.94
C VAL A 198 1.81 -9.37 11.90
N LEU A 199 2.56 -8.34 12.29
CA LEU A 199 3.16 -7.46 11.30
C LEU A 199 4.21 -8.23 10.49
N ASP A 200 4.25 -7.94 9.19
CA ASP A 200 5.24 -8.54 8.32
C ASP A 200 6.38 -7.58 7.96
N ILE A 201 6.12 -6.28 8.00
CA ILE A 201 7.03 -5.31 7.40
C ILE A 201 6.62 -3.92 7.86
N PHE A 202 7.56 -2.98 7.84
CA PHE A 202 7.31 -1.57 8.04
C PHE A 202 7.58 -0.82 6.74
N GLY A 203 6.82 0.25 6.54
CA GLY A 203 7.08 1.17 5.46
C GLY A 203 6.93 2.60 5.94
N PRO A 204 7.41 3.57 5.15
CA PRO A 204 7.30 4.98 5.55
C PRO A 204 5.85 5.39 5.75
N GLY A 205 5.56 6.00 6.90
CA GLY A 205 4.19 6.37 7.20
C GLY A 205 3.96 7.70 7.90
N THR A 206 5.02 8.36 8.36
CA THR A 206 4.89 9.67 8.99
C THR A 206 5.31 10.75 8.00
N ASP A 207 4.40 11.71 7.78
CA ASP A 207 4.67 12.89 6.95
C ASP A 207 4.98 12.50 5.51
N ILE A 208 4.01 11.84 4.89
CA ILE A 208 4.12 11.31 3.54
C ILE A 208 3.40 12.23 2.57
N LEU A 209 4.17 12.84 1.66
CA LEU A 209 3.62 13.70 0.61
C LEU A 209 3.09 12.86 -0.53
N SER A 210 1.87 13.15 -0.97
CA SER A 210 1.28 12.45 -2.10
C SER A 210 0.18 13.31 -2.69
N THR A 211 -0.51 12.75 -3.70
CA THR A 211 -1.61 13.41 -4.36
C THR A 211 -2.81 13.59 -3.43
N TRP A 212 -3.62 14.60 -3.74
CA TRP A 212 -4.88 14.82 -3.03
C TRP A 212 -5.92 15.28 -4.05
N ILE A 213 -7.17 15.31 -3.61
CA ILE A 213 -8.25 15.69 -4.52
C ILE A 213 -8.17 17.18 -4.86
N GLY A 214 -8.89 17.56 -5.90
CA GLY A 214 -8.75 18.88 -6.45
C GLY A 214 -7.44 19.13 -7.15
N GLY A 215 -6.80 18.07 -7.63
CA GLY A 215 -5.54 18.21 -8.34
C GLY A 215 -4.42 18.74 -7.48
N SER A 216 -4.43 18.43 -6.19
CA SER A 216 -3.51 19.01 -5.23
CA SER A 216 -3.51 19.01 -5.24
C SER A 216 -2.56 17.94 -4.68
N THR A 217 -1.80 18.33 -3.66
CA THR A 217 -0.93 17.43 -2.93
C THR A 217 -0.98 17.82 -1.47
N ARG A 218 -0.67 16.86 -0.60
CA ARG A 218 -0.48 17.18 0.81
C ARG A 218 0.25 16.03 1.50
N SER A 219 0.76 16.35 2.69
CA SER A 219 1.49 15.40 3.51
C SER A 219 0.61 15.02 4.69
N ILE A 220 0.39 13.71 4.86
CA ILE A 220 -0.35 13.15 5.99
C ILE A 220 0.36 11.90 6.49
N SER A 221 -0.12 11.38 7.61
CA SER A 221 0.55 10.29 8.33
C SER A 221 -0.43 9.18 8.65
N GLY A 222 0.07 7.96 8.64
CA GLY A 222 -0.71 6.80 9.04
C GLY A 222 -0.11 5.52 8.51
N THR A 223 -0.53 4.40 9.09
CA THR A 223 -0.23 3.11 8.46
C THR A 223 -0.92 3.03 7.09
N SER A 224 -1.94 3.85 6.85
CA SER A 224 -2.53 3.95 5.52
C SER A 224 -1.52 4.43 4.49
N MET A 225 -0.52 5.20 4.93
CA MET A 225 0.50 5.73 4.03
C MET A 225 1.63 4.74 3.83
N ALA A 226 1.91 3.91 4.84
CA ALA A 226 2.95 2.91 4.73
C ALA A 226 2.51 1.76 3.81
N THR A 227 1.25 1.37 3.91
CA THR A 227 0.73 0.25 3.12
C THR A 227 0.96 0.41 1.63
N PRO A 228 0.62 1.55 1.00
CA PRO A 228 0.85 1.68 -0.44
C PRO A 228 2.31 1.72 -0.84
N HIS A 229 3.23 2.10 0.05
CA HIS A 229 4.64 1.92 -0.26
C HIS A 229 4.95 0.45 -0.52
N VAL A 230 4.41 -0.43 0.34
CA VAL A 230 4.66 -1.87 0.20
C VAL A 230 3.92 -2.44 -1.00
N ALA A 231 2.66 -2.01 -1.22
CA ALA A 231 1.92 -2.44 -2.40
C ALA A 231 2.63 -2.04 -3.68
N GLY A 232 3.06 -0.79 -3.79
CA GLY A 232 3.80 -0.38 -4.97
C GLY A 232 5.12 -1.12 -5.11
N LEU A 233 5.80 -1.36 -3.99
CA LEU A 233 7.05 -2.13 -4.05
C LEU A 233 6.79 -3.53 -4.58
N ALA A 234 5.72 -4.18 -4.13
CA ALA A 234 5.39 -5.51 -4.63
C ALA A 234 5.17 -5.47 -6.14
N ALA A 235 4.40 -4.49 -6.62
CA ALA A 235 4.14 -4.41 -8.05
C ALA A 235 5.44 -4.24 -8.83
N TYR A 236 6.32 -3.37 -8.33
CA TYR A 236 7.62 -3.13 -8.94
C TYR A 236 8.47 -4.39 -8.98
N LEU A 237 8.50 -5.15 -7.88
CA LEU A 237 9.32 -6.36 -7.84
C LEU A 237 8.72 -7.47 -8.70
N MET A 238 7.39 -7.53 -8.80
CA MET A 238 6.74 -8.50 -9.69
C MET A 238 7.03 -8.18 -11.15
N THR A 239 7.00 -6.90 -11.53
CA THR A 239 7.37 -6.55 -12.90
C THR A 239 8.80 -6.94 -13.21
N LEU A 240 9.69 -6.83 -12.23
CA LEU A 240 11.07 -7.26 -12.42
C LEU A 240 11.23 -8.76 -12.46
N GLY A 241 10.19 -9.53 -12.15
CA GLY A 241 10.31 -10.97 -12.14
C GLY A 241 10.97 -11.53 -10.90
N LYS A 242 11.12 -10.72 -9.85
CA LYS A 242 11.85 -11.17 -8.67
C LYS A 242 10.98 -11.97 -7.70
N THR A 243 9.66 -11.88 -7.81
CA THR A 243 8.76 -12.54 -6.88
C THR A 243 7.38 -12.62 -7.53
N THR A 244 6.45 -13.26 -6.81
CA THR A 244 5.09 -13.48 -7.28
C THR A 244 4.11 -12.92 -6.26
N ALA A 245 2.83 -12.86 -6.64
CA ALA A 245 1.82 -12.39 -5.70
C ALA A 245 1.83 -13.24 -4.43
N ALA A 246 2.00 -14.55 -4.57
CA ALA A 246 1.92 -15.42 -3.41
C ALA A 246 3.13 -15.28 -2.49
N SER A 247 4.27 -14.84 -3.01
CA SER A 247 5.52 -14.83 -2.26
CA SER A 247 5.51 -14.83 -2.25
C SER A 247 6.09 -13.44 -2.02
N ALA A 248 5.43 -12.39 -2.51
CA ALA A 248 6.02 -11.06 -2.46
C ALA A 248 6.19 -10.54 -1.03
N CYS A 249 5.21 -10.75 -0.15
CA CYS A 249 5.38 -10.28 1.22
C CYS A 249 6.61 -10.90 1.85
N ARG A 250 6.75 -12.23 1.72
CA ARG A 250 7.89 -12.94 2.26
C ARG A 250 9.20 -12.45 1.63
N TYR A 251 9.17 -12.21 0.32
CA TYR A 251 10.36 -11.72 -0.37
C TYR A 251 10.73 -10.33 0.12
N ILE A 252 9.75 -9.47 0.31
CA ILE A 252 10.02 -8.13 0.83
C ILE A 252 10.63 -8.23 2.22
N ALA A 253 10.10 -9.12 3.07
CA ALA A 253 10.69 -9.31 4.39
C ALA A 253 12.11 -9.87 4.27
N ASP A 254 12.33 -10.82 3.34
CA ASP A 254 13.64 -11.43 3.15
C ASP A 254 14.68 -10.38 2.81
N THR A 255 14.29 -9.38 2.01
CA THR A 255 15.21 -8.43 1.41
C THR A 255 15.16 -7.07 2.09
N ALA A 256 14.42 -6.96 3.19
CA ALA A 256 14.22 -5.71 3.88
C ALA A 256 15.52 -5.24 4.55
N ASN A 257 15.56 -3.94 4.86
CA ASN A 257 16.57 -3.45 5.78
C ASN A 257 16.24 -3.97 7.17
N LYS A 258 17.22 -4.61 7.81
CA LYS A 258 17.00 -5.31 9.07
C LYS A 258 17.64 -4.56 10.24
N GLY A 259 16.88 -4.44 11.32
CA GLY A 259 17.40 -3.91 12.56
C GLY A 259 17.66 -2.42 12.57
N ASP A 260 17.08 -1.68 11.63
CA ASP A 260 17.34 -0.26 11.51
C ASP A 260 16.35 0.61 12.27
N LEU A 261 15.23 0.06 12.70
CA LEU A 261 14.18 0.87 13.30
C LEU A 261 14.32 0.90 14.82
N SER A 262 14.01 2.04 15.41
CA SER A 262 13.96 2.18 16.86
C SER A 262 12.53 2.09 17.37
N ASN A 263 12.42 1.79 18.66
CA ASN A 263 11.14 1.62 19.36
C ASN A 263 10.26 0.54 18.74
N ILE A 264 10.88 -0.54 18.30
CA ILE A 264 10.16 -1.74 17.85
C ILE A 264 9.98 -2.64 19.06
N PRO A 265 8.74 -2.91 19.49
CA PRO A 265 8.56 -3.76 20.68
C PRO A 265 9.13 -5.14 20.45
N PHE A 266 9.67 -5.70 21.52
CA PHE A 266 10.13 -7.09 21.51
C PHE A 266 9.02 -7.97 20.96
N GLY A 267 9.35 -8.79 19.96
CA GLY A 267 8.40 -9.68 19.33
C GLY A 267 7.81 -9.18 18.03
N THR A 268 8.09 -7.93 17.67
CA THR A 268 7.69 -7.35 16.40
C THR A 268 8.90 -7.32 15.46
N VAL A 269 8.67 -7.62 14.19
CA VAL A 269 9.78 -7.64 13.24
C VAL A 269 10.38 -6.25 13.13
N ASN A 270 11.70 -6.21 12.98
CA ASN A 270 12.43 -4.97 12.72
C ASN A 270 12.90 -5.04 11.26
N LEU A 271 11.96 -4.80 10.36
CA LEU A 271 12.18 -4.96 8.92
C LEU A 271 11.53 -3.78 8.21
N LEU A 272 12.31 -3.12 7.36
CA LEU A 272 11.87 -1.92 6.66
C LEU A 272 11.97 -2.17 5.16
N ALA A 273 10.84 -1.95 4.46
CA ALA A 273 10.76 -2.26 3.05
C ALA A 273 11.87 -1.58 2.26
N TYR A 274 12.48 -2.34 1.34
CA TYR A 274 13.67 -1.93 0.63
C TYR A 274 13.69 -2.61 -0.73
N ASN A 275 13.93 -1.82 -1.78
CA ASN A 275 13.87 -2.37 -3.14
C ASN A 275 15.17 -3.02 -3.59
N ASN A 276 16.25 -2.87 -2.80
CA ASN A 276 17.55 -3.47 -3.13
C ASN A 276 17.96 -3.15 -4.56
N TYR A 277 17.58 -1.98 -5.06
CA TYR A 277 17.98 -1.59 -6.39
C TYR A 277 19.42 -1.08 -6.37
N GLN A 278 20.25 -1.62 -7.25
CA GLN A 278 21.62 -1.15 -7.40
C GLN A 278 21.70 -0.44 -8.75
N ALA A 279 21.83 0.88 -8.73
CA ALA A 279 21.90 1.68 -9.95
C ALA A 279 23.09 1.25 -10.80
O40 KK5 B . -12.07 6.04 -13.81
O41 KK5 B . -14.74 7.12 -13.93
O42 KK5 B . -17.08 6.23 -12.30
O43 KK5 B . -13.15 7.36 -16.03
O44 KK5 B . -17.15 7.62 -14.92
O45 KK5 B . -17.85 8.83 -12.66
O46 KK5 B . -11.30 8.57 -14.50
O47 KK5 B . -11.81 9.63 -16.77
O48 KK5 B . -13.41 8.22 -18.61
O49 KK5 B . -15.40 8.51 -16.64
O50 KK5 B . -18.15 8.36 -17.27
O51 KK5 B . -18.38 9.91 -14.92
O52 KK5 B . -19.60 10.95 -12.51
O53 KK5 B . -16.92 11.40 -11.85
O54 KK5 B . -16.16 13.27 -9.92
O55 KK5 B . -13.60 13.01 -11.16
O56 KK5 B . -10.79 13.09 -11.39
O57 KK5 B . -11.20 11.16 -13.41
O58 KK5 B . -9.57 10.62 -15.51
O59 KK5 B . -13.43 9.75 -14.76
O60 KK5 B . -15.92 9.82 -14.11
O61 KK5 B . -14.09 11.21 -12.75
O62 KK5 B . -14.74 11.96 -15.00
O63 KK5 B . -14.23 10.52 -17.40
O64 KK5 B . -16.68 10.75 -16.80
O65 KK5 B . -17.56 12.28 -14.08
O66 KK5 B . -15.71 13.52 -12.69
O67 KK5 B . -12.55 13.43 -13.57
O68 KK5 B . -11.89 12.05 -15.66
O69 KK5 B . -13.97 13.11 -17.07
O70 KK5 B . -15.87 12.38 -18.92
O71 KK5 B . -16.47 13.33 -16.32
O72 KK5 B . -17.32 15.03 -14.27
O73 KK5 B . -14.68 14.46 -14.90
O74 KK5 B . -12.07 14.86 -15.86
O75 KK5 B . -12.69 8.39 -12.63
O76 KK5 B . -15.50 8.46 -11.88
O77 KK5 B . -14.93 10.88 -10.33
O78 KK5 B . -12.24 10.84 -11.08
P2 KK5 B . -14.56 10.65 -14.14
W12 KK5 B . -12.87 7.50 -14.07
W13 KK5 B . -16.36 7.64 -13.06
W14 KK5 B . -13.57 8.81 -16.98
W15 KK5 B . -17.14 9.03 -16.07
W16 KK5 B . -18.04 10.71 -13.17
W17 KK5 B . -15.39 12.35 -11.17
W18 KK5 B . -12.09 12.19 -12.06
W19 KK5 B . -11.20 10.42 -15.14
W20 KK5 B . -15.49 12.06 -17.27
W21 KK5 B . -16.33 13.67 -14.40
W22 KK5 B . -13.04 13.60 -15.38
ZN1 KK5 B . -13.73 9.22 -10.92
S SO4 C . 9.66 15.35 2.59
O1 SO4 C . 11.01 15.03 3.06
O2 SO4 C . 9.22 14.31 1.66
O3 SO4 C . 8.75 15.36 3.73
O4 SO4 C . 9.69 16.65 1.94
#